data_4EN6
#
_entry.id   4EN6
#
_cell.length_a   175.596
_cell.length_b   175.596
_cell.length_c   80.779
_cell.angle_alpha   90.00
_cell.angle_beta   90.00
_cell.angle_gamma   120.00
#
_symmetry.space_group_name_H-M   'P 63'
#
loop_
_entity.id
_entity.type
_entity.pdbx_description
1 polymer 'Hemagglutinin components HA-22/23/53'
2 polymer 'Hemagglutinin components HA-22/23/53'
3 branched 'N-acetyl-alpha-neuraminic acid-(2-3)-beta-D-galactopyranose-(1-4)-beta-D-glucopyranose'
4 non-polymer (4R)-2-METHYLPENTANE-2,4-DIOL
5 water water
#
loop_
_entity_poly.entity_id
_entity_poly.type
_entity_poly.pdbx_seq_one_letter_code
_entity_poly.pdbx_strand_id
1 'polypeptide(L)'
;ISEFDYKDHDIDYKDDDDKWIMSLSIKELYYTKDKSINNVNLADGNYVVNRGDGWILSRQNQNLGGNISNNGCTAIVGDL
RIRETATPYYYPTASFNEEYIKNNVQNVFANFTEASEIPIGFEFSKTAPSNKSLYMYLQYTYIRYEIIKVLQNTVTERAV
LYVPSLGYVKSIEFNSEEQIDKNFYFTSQDKCILNEKFIYKKIDDTITVKESKNSNNNINFNTS
;
A
2 'polypeptide(L)'
;QTILPYPNGLYVINKGDGYMRTNDKDLIGTLLIESSTSGSIIQPRLRNTTRPLFNTSNPTIFSQEYTEARLNDAFNIQLF
NTSTTLFKFVEEAPTNKNISMKVYNTYEKYELINYQNGNIDDKAEYYLPSLGKCEVSDAPSPQAPVVETPVDQDGFIQTG
PNENIIVGVINPSENIEEISTPIPDDYTYNIPTSIQNNACYVLFKVNTTGVYKITTKNNLPPLIIYEAIGSSNRNMNSNN
LSNDNIKAIKYITGLNRSDAKSYLIVSLFKDKNYYIRIPQISSSTTSQLIFKRELGNISDLADSTVNILDNLNTSGTHYY
TRQSPDVGNYISYQLTIPGDFNNIASSIFSFRTRNNQGIGTLYRLTESINGYNLITINNYSDLLNNVEPISLLNGATYIF
RVKVTELNNYNIIFDAYRNS
;
B
#
loop_
_chem_comp.id
_chem_comp.type
_chem_comp.name
_chem_comp.formula
BGC D-saccharide, beta linking beta-D-glucopyranose 'C6 H12 O6'
GAL D-saccharide, beta linking beta-D-galactopyranose 'C6 H12 O6'
MRD non-polymer (4R)-2-METHYLPENTANE-2,4-DIOL 'C6 H14 O2'
SIA D-saccharide, alpha linking 'N-acetyl-alpha-neuraminic acid' 'C11 H19 N O9'
#
# COMPACT_ATOMS: atom_id res chain seq x y z
N SER A 36 0.18 -23.54 -9.32
CA SER A 36 0.25 -22.05 -9.33
C SER A 36 0.67 -21.48 -10.69
N ILE A 37 1.24 -20.29 -10.68
CA ILE A 37 1.66 -19.62 -11.91
C ILE A 37 2.98 -20.14 -12.48
N ASN A 38 3.59 -21.10 -11.79
CA ASN A 38 4.86 -21.65 -12.25
C ASN A 38 4.72 -22.98 -12.98
N ASN A 39 3.51 -23.50 -13.05
CA ASN A 39 3.27 -24.77 -13.71
C ASN A 39 2.93 -24.58 -15.18
N VAL A 40 3.89 -24.89 -16.05
CA VAL A 40 3.69 -24.77 -17.48
C VAL A 40 3.80 -26.14 -18.12
N ASN A 41 3.27 -26.26 -19.33
CA ASN A 41 3.33 -27.53 -20.06
C ASN A 41 4.27 -27.38 -21.25
N LEU A 42 5.54 -27.13 -20.95
CA LEU A 42 6.55 -26.94 -21.98
C LEU A 42 7.80 -27.77 -21.74
N ALA A 43 8.44 -28.20 -22.82
CA ALA A 43 9.67 -28.98 -22.71
C ALA A 43 10.66 -28.14 -21.92
N ASP A 44 11.70 -28.75 -21.39
CA ASP A 44 12.68 -28.02 -20.62
C ASP A 44 13.42 -27.05 -21.54
N GLY A 45 13.88 -25.94 -20.95
CA GLY A 45 14.60 -24.94 -21.73
C GLY A 45 14.20 -23.52 -21.38
N ASN A 46 14.75 -22.56 -22.10
CA ASN A 46 14.46 -21.15 -21.86
C ASN A 46 13.52 -20.59 -22.93
N TYR A 47 12.50 -19.86 -22.50
CA TYR A 47 11.52 -19.31 -23.42
C TYR A 47 11.27 -17.81 -23.23
N VAL A 48 10.83 -17.17 -24.29
CA VAL A 48 10.49 -15.74 -24.25
C VAL A 48 8.98 -15.78 -24.41
N VAL A 49 8.27 -15.11 -23.52
CA VAL A 49 6.81 -15.12 -23.56
C VAL A 49 6.16 -13.75 -23.60
N ASN A 50 5.10 -13.66 -24.39
CA ASN A 50 4.32 -12.44 -24.54
C ASN A 50 3.13 -12.64 -23.62
N ARG A 51 3.14 -11.98 -22.45
CA ARG A 51 2.05 -12.09 -21.49
C ARG A 51 0.86 -11.20 -21.85
N GLY A 52 0.95 -10.55 -23.02
CA GLY A 52 -0.14 -9.68 -23.45
C GLY A 52 0.00 -8.19 -23.16
N ASP A 53 -0.82 -7.41 -23.83
CA ASP A 53 -0.86 -5.97 -23.69
C ASP A 53 -1.91 -5.67 -22.60
N GLY A 54 -1.95 -4.44 -22.11
CA GLY A 54 -2.95 -4.10 -21.12
C GLY A 54 -2.55 -4.22 -19.67
N TRP A 55 -1.25 -4.31 -19.39
CA TRP A 55 -0.80 -4.41 -18.02
C TRP A 55 -0.64 -3.07 -17.33
N ILE A 56 -1.17 -2.95 -16.12
CA ILE A 56 -1.01 -1.71 -15.36
C ILE A 56 -0.12 -2.07 -14.17
N LEU A 57 0.70 -1.13 -13.73
CA LEU A 57 1.63 -1.40 -12.64
C LEU A 57 1.18 -1.03 -11.23
N SER A 58 1.72 -1.76 -10.28
CA SER A 58 1.42 -1.58 -8.87
C SER A 58 1.61 -0.16 -8.38
N ARG A 59 0.56 0.33 -7.73
CA ARG A 59 0.44 1.66 -7.12
C ARG A 59 0.79 2.90 -7.93
N GLN A 60 0.93 2.76 -9.24
CA GLN A 60 1.25 3.90 -10.06
C GLN A 60 -0.02 4.55 -10.62
N ASN A 61 -1.15 4.05 -10.17
CA ASN A 61 -2.48 4.51 -10.57
C ASN A 61 -2.65 5.99 -10.88
N GLN A 62 -2.37 6.84 -9.91
CA GLN A 62 -2.57 8.27 -10.05
C GLN A 62 -1.35 9.15 -10.30
N ASN A 63 -0.25 8.55 -10.72
CA ASN A 63 0.98 9.29 -10.99
C ASN A 63 0.85 10.41 -12.01
N LEU A 64 -0.07 10.29 -12.95
CA LEU A 64 -0.26 11.33 -13.97
C LEU A 64 -1.30 12.38 -13.59
N GLY A 65 -2.08 12.11 -12.55
CA GLY A 65 -3.10 13.07 -12.15
C GLY A 65 -4.48 12.68 -12.61
N GLY A 66 -5.48 13.40 -12.11
CA GLY A 66 -6.86 13.13 -12.44
C GLY A 66 -7.59 14.36 -12.92
N ASN A 67 -8.75 14.12 -13.52
CA ASN A 67 -9.57 15.16 -14.13
C ASN A 67 -11.00 15.21 -13.54
N ILE A 68 -11.49 16.41 -13.27
CA ILE A 68 -12.82 16.59 -12.68
C ILE A 68 -13.76 17.45 -13.54
N SER A 69 -14.94 16.92 -13.83
CA SER A 69 -15.92 17.67 -14.61
C SER A 69 -17.32 17.47 -14.05
N ASN A 70 -18.27 18.26 -14.51
CA ASN A 70 -19.65 18.12 -14.05
C ASN A 70 -20.70 18.56 -15.07
N ASN A 71 -21.96 18.39 -14.67
CA ASN A 71 -23.12 18.79 -15.45
C ASN A 71 -23.11 18.68 -16.97
N GLY A 72 -22.83 17.49 -17.50
CA GLY A 72 -22.85 17.31 -18.95
C GLY A 72 -21.66 17.82 -19.73
N CYS A 73 -20.60 18.18 -19.04
CA CYS A 73 -19.41 18.65 -19.73
C CYS A 73 -18.63 17.43 -20.22
N THR A 74 -17.93 17.58 -21.33
CA THR A 74 -17.14 16.47 -21.84
C THR A 74 -15.71 16.69 -21.42
N ALA A 75 -15.12 15.66 -20.83
CA ALA A 75 -13.74 15.72 -20.35
C ALA A 75 -12.83 14.85 -21.20
N ILE A 76 -11.67 15.38 -21.54
CA ILE A 76 -10.74 14.65 -22.39
C ILE A 76 -9.32 14.66 -21.81
N VAL A 77 -8.72 13.48 -21.72
CA VAL A 77 -7.35 13.39 -21.24
C VAL A 77 -6.60 12.51 -22.23
N GLY A 78 -5.34 12.83 -22.47
CA GLY A 78 -4.55 12.05 -23.41
C GLY A 78 -3.07 12.18 -23.13
N ASP A 79 -2.26 11.57 -23.99
CA ASP A 79 -0.81 11.64 -23.79
C ASP A 79 -0.06 11.21 -25.04
N LEU A 80 1.27 11.34 -24.99
CA LEU A 80 2.16 10.98 -26.09
C LEU A 80 3.37 10.23 -25.53
N ARG A 81 3.31 8.90 -25.55
CA ARG A 81 4.40 8.07 -25.02
C ARG A 81 5.74 8.34 -25.70
N ILE A 82 6.23 9.57 -25.59
CA ILE A 82 7.49 9.95 -26.21
C ILE A 82 8.66 9.27 -25.49
N ARG A 83 9.50 8.59 -26.27
CA ARG A 83 10.68 7.87 -25.77
C ARG A 83 11.27 8.54 -24.53
N GLU A 84 11.36 9.86 -24.59
CA GLU A 84 11.90 10.65 -23.50
C GLU A 84 11.27 10.29 -22.15
N THR A 85 9.97 10.02 -22.15
CA THR A 85 9.26 9.67 -20.92
C THR A 85 9.08 8.16 -20.75
N ALA A 86 8.24 7.57 -21.60
CA ALA A 86 7.96 6.15 -21.54
C ALA A 86 9.21 5.27 -21.60
N THR A 87 9.65 4.81 -20.43
CA THR A 87 10.82 3.96 -20.33
C THR A 87 10.42 2.58 -19.82
N PRO A 88 11.07 1.52 -20.34
CA PRO A 88 10.77 0.14 -19.95
C PRO A 88 11.18 -0.19 -18.51
N TYR A 89 10.49 -1.16 -17.93
CA TYR A 89 10.79 -1.60 -16.56
C TYR A 89 11.35 -3.00 -16.66
N TYR A 90 12.62 -3.16 -16.30
CA TYR A 90 13.30 -4.45 -16.33
C TYR A 90 13.40 -5.08 -14.94
N TYR A 91 13.19 -6.39 -14.91
CA TYR A 91 13.29 -7.18 -13.69
C TYR A 91 14.04 -8.43 -14.11
N PRO A 92 15.37 -8.32 -14.21
CA PRO A 92 16.26 -9.40 -14.62
C PRO A 92 16.58 -10.41 -13.52
N THR A 93 16.98 -11.60 -13.94
CA THR A 93 17.35 -12.66 -13.04
C THR A 93 18.82 -13.00 -13.33
N ALA A 94 19.33 -14.04 -12.71
CA ALA A 94 20.71 -14.43 -12.90
C ALA A 94 21.00 -14.90 -14.32
N SER A 95 20.15 -15.81 -14.82
CA SER A 95 20.30 -16.36 -16.16
C SER A 95 19.88 -15.40 -17.28
N PHE A 96 19.11 -14.38 -16.92
CA PHE A 96 18.61 -13.45 -17.93
C PHE A 96 18.80 -11.98 -17.59
N ASN A 97 19.88 -11.38 -18.10
CA ASN A 97 20.12 -9.97 -17.83
C ASN A 97 19.30 -9.09 -18.75
N GLU A 98 19.35 -7.77 -18.52
CA GLU A 98 18.60 -6.82 -19.33
C GLU A 98 18.77 -7.06 -20.83
N GLU A 99 20.01 -7.06 -21.28
CA GLU A 99 20.32 -7.26 -22.69
C GLU A 99 19.71 -8.55 -23.23
N TYR A 100 19.87 -9.63 -22.47
CA TYR A 100 19.35 -10.93 -22.87
C TYR A 100 17.84 -10.83 -23.10
N ILE A 101 17.18 -10.12 -22.19
CA ILE A 101 15.73 -9.95 -22.25
C ILE A 101 15.30 -9.11 -23.46
N LYS A 102 15.94 -7.95 -23.62
CA LYS A 102 15.63 -7.06 -24.72
C LYS A 102 15.77 -7.75 -26.07
N ASN A 103 16.99 -8.19 -26.38
CA ASN A 103 17.25 -8.84 -27.65
C ASN A 103 16.33 -10.01 -27.94
N ASN A 104 16.01 -10.79 -26.92
CA ASN A 104 15.14 -11.94 -27.13
C ASN A 104 13.68 -11.55 -27.31
N VAL A 105 13.29 -10.39 -26.78
CA VAL A 105 11.92 -9.94 -26.96
C VAL A 105 11.79 -9.29 -28.33
N GLN A 106 12.69 -8.36 -28.63
CA GLN A 106 12.66 -7.64 -29.90
C GLN A 106 12.97 -8.51 -31.11
N ASN A 107 13.36 -9.75 -30.85
CA ASN A 107 13.68 -10.66 -31.93
C ASN A 107 12.43 -11.41 -32.40
N VAL A 108 11.55 -11.74 -31.46
CA VAL A 108 10.33 -12.45 -31.78
C VAL A 108 9.14 -11.51 -31.89
N PHE A 109 9.03 -10.59 -30.93
CA PHE A 109 7.93 -9.65 -30.86
C PHE A 109 8.32 -8.23 -31.28
N ALA A 110 7.35 -7.32 -31.22
CA ALA A 110 7.56 -5.93 -31.59
C ALA A 110 8.85 -5.34 -31.03
N ASN A 111 9.63 -4.71 -31.91
CA ASN A 111 10.87 -4.07 -31.50
C ASN A 111 10.48 -2.72 -30.91
N PHE A 112 10.39 -2.67 -29.58
CA PHE A 112 10.01 -1.44 -28.89
C PHE A 112 11.08 -0.35 -28.88
N THR A 113 12.33 -0.74 -29.06
CA THR A 113 13.42 0.24 -29.07
C THR A 113 13.33 1.11 -30.32
N GLU A 114 12.98 0.51 -31.45
CA GLU A 114 12.85 1.26 -32.70
C GLU A 114 11.59 2.11 -32.67
N ALA A 115 10.47 1.49 -32.30
CA ALA A 115 9.19 2.16 -32.23
C ALA A 115 9.18 3.40 -31.36
N SER A 116 9.93 3.36 -30.26
CA SER A 116 9.99 4.48 -29.32
C SER A 116 10.44 5.79 -29.94
N GLU A 117 11.04 5.72 -31.12
CA GLU A 117 11.51 6.92 -31.79
C GLU A 117 10.34 7.68 -32.44
N ILE A 118 9.23 7.00 -32.65
CA ILE A 118 8.05 7.61 -33.28
C ILE A 118 6.92 7.90 -32.29
N PRO A 119 6.67 9.19 -31.99
CA PRO A 119 5.61 9.58 -31.06
C PRO A 119 4.24 9.06 -31.47
N ILE A 120 3.50 8.53 -30.50
CA ILE A 120 2.15 7.99 -30.71
C ILE A 120 1.23 8.59 -29.66
N GLY A 121 0.02 8.93 -30.04
CA GLY A 121 -0.88 9.51 -29.06
C GLY A 121 -2.12 8.68 -28.78
N PHE A 122 -2.75 8.94 -27.65
CA PHE A 122 -3.98 8.26 -27.29
C PHE A 122 -4.76 9.20 -26.38
N GLU A 123 -6.09 9.16 -26.48
CA GLU A 123 -6.93 10.00 -25.66
C GLU A 123 -8.19 9.27 -25.26
N PHE A 124 -8.80 9.75 -24.20
CA PHE A 124 -10.04 9.19 -23.70
C PHE A 124 -10.96 10.36 -23.42
N SER A 125 -12.24 10.20 -23.70
CA SER A 125 -13.16 11.28 -23.41
C SER A 125 -14.39 10.66 -22.78
N LYS A 126 -15.07 11.43 -21.95
CA LYS A 126 -16.26 10.98 -21.26
C LYS A 126 -17.09 12.21 -20.87
N THR A 127 -18.41 12.08 -20.91
CA THR A 127 -19.27 13.19 -20.55
C THR A 127 -19.80 13.05 -19.13
N ALA A 128 -19.61 14.08 -18.32
CA ALA A 128 -20.10 14.05 -16.95
C ALA A 128 -21.62 14.04 -16.96
N PRO A 129 -22.24 13.40 -15.96
CA PRO A 129 -23.70 13.35 -15.88
C PRO A 129 -24.33 14.73 -15.66
N SER A 130 -25.59 14.87 -16.05
CA SER A 130 -26.33 16.13 -15.96
C SER A 130 -26.15 16.96 -14.70
N ASN A 131 -26.34 16.37 -13.52
CA ASN A 131 -26.20 17.10 -12.27
C ASN A 131 -25.27 16.41 -11.28
N LYS A 132 -24.17 15.88 -11.76
CA LYS A 132 -23.20 15.21 -10.91
C LYS A 132 -21.79 15.50 -11.36
N SER A 133 -20.82 15.06 -10.57
CA SER A 133 -19.42 15.27 -10.90
C SER A 133 -18.78 13.99 -11.38
N LEU A 134 -17.82 14.15 -12.29
CA LEU A 134 -17.11 13.00 -12.84
C LEU A 134 -15.63 13.15 -12.59
N TYR A 135 -15.00 12.05 -12.20
CA TYR A 135 -13.57 12.03 -11.96
C TYR A 135 -12.96 10.88 -12.74
N MET A 136 -11.91 11.19 -13.50
CA MET A 136 -11.25 10.15 -14.25
C MET A 136 -9.75 10.40 -14.14
N TYR A 137 -8.99 9.32 -13.98
CA TYR A 137 -7.55 9.46 -13.88
C TYR A 137 -6.90 8.56 -14.89
N LEU A 138 -5.71 8.94 -15.34
CA LEU A 138 -5.01 8.19 -16.36
C LEU A 138 -3.74 7.49 -15.87
N GLN A 139 -3.44 6.35 -16.47
CA GLN A 139 -2.22 5.64 -16.13
C GLN A 139 -1.72 4.89 -17.37
N TYR A 140 -0.42 4.62 -17.42
CA TYR A 140 0.13 3.92 -18.57
C TYR A 140 -0.15 2.42 -18.54
N THR A 141 -0.24 1.82 -19.72
CA THR A 141 -0.44 0.39 -19.84
C THR A 141 0.85 -0.14 -20.44
N TYR A 142 1.08 -1.44 -20.27
CA TYR A 142 2.30 -2.04 -20.77
C TYR A 142 2.06 -3.41 -21.36
N ILE A 143 3.09 -3.92 -22.02
CA ILE A 143 3.05 -5.24 -22.58
C ILE A 143 3.98 -5.98 -21.64
N ARG A 144 3.50 -7.07 -21.05
CA ARG A 144 4.33 -7.84 -20.15
C ARG A 144 5.03 -8.94 -20.94
N TYR A 145 6.36 -8.94 -20.89
CA TYR A 145 7.14 -9.98 -21.55
C TYR A 145 7.84 -10.75 -20.45
N GLU A 146 8.06 -12.03 -20.68
CA GLU A 146 8.73 -12.88 -19.69
C GLU A 146 9.79 -13.76 -20.32
N ILE A 147 10.84 -14.03 -19.56
CA ILE A 147 11.90 -14.93 -19.98
C ILE A 147 11.86 -15.99 -18.89
N ILE A 148 11.36 -17.18 -19.21
CA ILE A 148 11.27 -18.24 -18.23
C ILE A 148 12.21 -19.42 -18.47
N LYS A 149 12.70 -19.99 -17.36
CA LYS A 149 13.59 -21.15 -17.36
C LYS A 149 12.70 -22.32 -16.96
N VAL A 150 12.49 -23.27 -17.86
CA VAL A 150 11.64 -24.41 -17.54
C VAL A 150 12.43 -25.68 -17.19
N LEU A 151 11.88 -26.46 -16.26
CA LEU A 151 12.51 -27.70 -15.82
C LEU A 151 11.43 -28.56 -15.16
N GLN A 152 11.02 -29.62 -15.85
CA GLN A 152 9.99 -30.52 -15.32
C GLN A 152 8.62 -29.85 -15.30
N ASN A 153 8.29 -29.14 -16.37
CA ASN A 153 7.00 -28.45 -16.48
C ASN A 153 6.74 -27.47 -15.34
N THR A 154 7.80 -26.81 -14.89
CA THR A 154 7.70 -25.82 -13.84
C THR A 154 8.74 -24.73 -14.08
N VAL A 155 8.33 -23.49 -13.85
CA VAL A 155 9.23 -22.35 -14.05
C VAL A 155 10.20 -22.24 -12.89
N THR A 156 11.49 -22.30 -13.21
CA THR A 156 12.56 -22.23 -12.22
C THR A 156 13.08 -20.81 -12.05
N GLU A 157 13.09 -20.07 -13.15
CA GLU A 157 13.56 -18.69 -13.14
C GLU A 157 12.59 -17.88 -14.01
N ARG A 158 12.39 -16.62 -13.67
CA ARG A 158 11.49 -15.78 -14.45
C ARG A 158 11.92 -14.32 -14.45
N ALA A 159 12.28 -13.81 -15.62
CA ALA A 159 12.68 -12.42 -15.76
C ALA A 159 11.43 -11.70 -16.28
N VAL A 160 11.29 -10.42 -15.96
CA VAL A 160 10.11 -9.70 -16.41
C VAL A 160 10.42 -8.34 -17.02
N LEU A 161 9.69 -8.01 -18.08
CA LEU A 161 9.85 -6.73 -18.75
C LEU A 161 8.50 -6.13 -19.07
N TYR A 162 8.37 -4.84 -18.79
CA TYR A 162 7.14 -4.11 -19.08
C TYR A 162 7.48 -3.04 -20.11
N VAL A 163 6.98 -3.24 -21.33
CA VAL A 163 7.22 -2.28 -22.39
C VAL A 163 6.05 -1.29 -22.44
N PRO A 164 6.36 0.00 -22.30
CA PRO A 164 5.31 1.03 -22.34
C PRO A 164 4.45 0.82 -23.58
N SER A 165 3.13 0.77 -23.38
CA SER A 165 2.20 0.56 -24.48
C SER A 165 1.44 1.88 -24.70
N LEU A 166 0.23 1.97 -24.16
CA LEU A 166 -0.55 3.19 -24.31
C LEU A 166 -1.04 3.65 -22.94
N GLY A 167 -2.36 3.76 -22.77
CA GLY A 167 -2.88 4.20 -21.51
C GLY A 167 -4.28 3.72 -21.23
N TYR A 168 -4.73 3.92 -19.99
CA TYR A 168 -6.03 3.48 -19.57
C TYR A 168 -6.60 4.48 -18.58
N VAL A 169 -7.90 4.79 -18.67
CA VAL A 169 -8.53 5.71 -17.72
C VAL A 169 -9.62 5.02 -16.91
N LYS A 170 -9.77 5.45 -15.66
CA LYS A 170 -10.81 4.90 -14.80
C LYS A 170 -11.69 6.08 -14.40
N SER A 171 -13.00 5.86 -14.41
CA SER A 171 -13.94 6.92 -14.07
C SER A 171 -14.78 6.55 -12.86
N ILE A 172 -15.39 7.57 -12.29
CA ILE A 172 -16.25 7.40 -11.15
C ILE A 172 -17.05 8.69 -11.02
N GLU A 173 -18.32 8.59 -10.66
CA GLU A 173 -19.15 9.77 -10.46
C GLU A 173 -19.08 10.06 -8.96
N PHE A 174 -19.31 11.30 -8.56
CA PHE A 174 -19.21 11.60 -7.14
C PHE A 174 -19.76 12.96 -6.72
N ASN A 175 -19.73 13.20 -5.42
CA ASN A 175 -20.14 14.43 -4.76
C ASN A 175 -19.43 14.36 -3.41
N SER A 176 -18.97 15.51 -2.91
CA SER A 176 -18.25 15.60 -1.64
C SER A 176 -18.65 14.61 -0.54
N GLU A 177 -19.87 14.09 -0.62
CA GLU A 177 -20.37 13.15 0.37
C GLU A 177 -19.76 11.75 0.18
N GLU A 178 -20.20 11.07 -0.88
CA GLU A 178 -19.75 9.71 -1.20
C GLU A 178 -18.39 9.26 -0.68
N GLN A 179 -18.33 7.97 -0.35
CA GLN A 179 -17.11 7.35 0.12
C GLN A 179 -16.77 6.41 -1.04
N ILE A 180 -15.50 6.38 -1.42
CA ILE A 180 -15.08 5.57 -2.54
C ILE A 180 -14.27 4.35 -2.12
N ASP A 181 -14.48 3.24 -2.82
CA ASP A 181 -13.74 2.02 -2.54
C ASP A 181 -12.29 2.37 -2.90
N LYS A 182 -11.37 2.22 -1.96
CA LYS A 182 -9.99 2.56 -2.24
C LYS A 182 -9.32 1.75 -3.34
N ASN A 183 -9.89 0.61 -3.69
CA ASN A 183 -9.30 -0.20 -4.74
C ASN A 183 -9.46 0.51 -6.07
N PHE A 184 -10.38 1.48 -6.10
CA PHE A 184 -10.61 2.26 -7.29
C PHE A 184 -9.36 3.09 -7.59
N TYR A 185 -8.76 3.65 -6.54
CA TYR A 185 -7.57 4.49 -6.65
C TYR A 185 -6.23 3.76 -6.60
N PHE A 186 -6.22 2.54 -6.09
CA PHE A 186 -4.97 1.84 -5.89
C PHE A 186 -4.92 0.39 -6.38
N THR A 187 -3.83 0.05 -7.05
CA THR A 187 -3.59 -1.29 -7.55
C THR A 187 -2.41 -1.80 -6.75
N SER A 188 -2.61 -2.78 -5.90
CA SER A 188 -1.50 -3.29 -5.09
C SER A 188 -0.62 -4.29 -5.82
N GLN A 189 -1.18 -5.00 -6.80
CA GLN A 189 -0.41 -5.98 -7.55
C GLN A 189 -0.53 -5.76 -9.06
N ASP A 190 0.59 -5.85 -9.78
CA ASP A 190 0.57 -5.67 -11.22
C ASP A 190 -0.52 -6.58 -11.77
N LYS A 191 -1.27 -6.08 -12.75
CA LYS A 191 -2.31 -6.89 -13.36
C LYS A 191 -2.61 -6.44 -14.78
N CYS A 192 -3.41 -7.23 -15.48
CA CYS A 192 -3.78 -6.95 -16.85
C CYS A 192 -5.25 -6.59 -16.95
N ILE A 193 -5.56 -5.47 -17.60
CA ILE A 193 -6.95 -5.03 -17.74
C ILE A 193 -7.67 -5.77 -18.87
N LEU A 194 -6.90 -6.51 -19.66
CA LEU A 194 -7.44 -7.31 -20.74
C LEU A 194 -7.23 -8.75 -20.29
N ASN A 195 -7.37 -9.71 -21.19
CA ASN A 195 -7.16 -11.10 -20.81
C ASN A 195 -5.66 -11.35 -20.90
N GLU A 196 -5.10 -12.00 -19.89
CA GLU A 196 -3.67 -12.30 -19.90
C GLU A 196 -3.38 -13.27 -21.04
N LYS A 197 -2.13 -13.28 -21.50
CA LYS A 197 -1.75 -14.14 -22.59
C LYS A 197 -0.51 -14.97 -22.26
N PHE A 198 -0.26 -15.97 -23.10
CA PHE A 198 0.91 -16.82 -22.96
C PHE A 198 1.31 -17.28 -24.35
N ILE A 199 2.04 -16.42 -25.05
CA ILE A 199 2.52 -16.72 -26.40
C ILE A 199 4.02 -16.85 -26.27
N TYR A 200 4.50 -18.09 -26.44
CA TYR A 200 5.91 -18.40 -26.27
C TYR A 200 6.69 -18.80 -27.50
N LYS A 201 7.99 -18.91 -27.29
CA LYS A 201 8.94 -19.35 -28.29
C LYS A 201 10.21 -19.74 -27.55
N LYS A 202 10.64 -20.98 -27.76
CA LYS A 202 11.84 -21.50 -27.12
C LYS A 202 13.05 -20.74 -27.64
N ILE A 203 13.93 -20.34 -26.73
CA ILE A 203 15.14 -19.61 -27.10
C ILE A 203 16.26 -20.61 -27.40
N ASP A 204 17.05 -20.32 -28.44
CA ASP A 204 18.15 -21.20 -28.82
C ASP A 204 19.51 -20.66 -28.39
N ASP A 205 20.57 -21.29 -28.88
CA ASP A 205 21.94 -20.90 -28.54
C ASP A 205 22.22 -21.16 -27.06
N GLN B 1 -7.65 13.95 11.96
CA GLN B 1 -7.57 14.00 13.45
C GLN B 1 -7.91 12.66 14.10
N THR B 2 -8.09 11.64 13.27
CA THR B 2 -8.43 10.30 13.77
C THR B 2 -7.18 9.47 14.10
N ILE B 3 -7.38 8.33 14.75
CA ILE B 3 -6.28 7.45 15.11
C ILE B 3 -5.66 6.81 13.88
N LEU B 4 -4.34 6.64 13.92
CA LEU B 4 -3.59 6.05 12.84
C LEU B 4 -2.96 4.76 13.41
N PRO B 5 -3.58 3.61 13.15
CA PRO B 5 -3.13 2.29 13.61
C PRO B 5 -1.91 1.74 12.90
N TYR B 6 -0.80 2.46 12.99
CA TYR B 6 0.42 2.05 12.33
C TYR B 6 1.66 2.18 13.22
N PRO B 7 2.72 1.40 12.91
CA PRO B 7 3.95 1.44 13.69
C PRO B 7 4.73 2.72 13.38
N ASN B 8 5.73 3.04 14.19
CA ASN B 8 6.52 4.25 13.96
C ASN B 8 7.18 4.17 12.59
N GLY B 9 7.38 5.32 11.98
CA GLY B 9 8.00 5.34 10.66
C GLY B 9 7.48 6.43 9.74
N LEU B 10 7.83 6.29 8.47
CA LEU B 10 7.43 7.26 7.46
C LEU B 10 6.25 6.75 6.64
N TYR B 11 5.36 7.68 6.31
CA TYR B 11 4.17 7.35 5.52
C TYR B 11 3.88 8.44 4.51
N VAL B 12 3.45 8.03 3.33
CA VAL B 12 3.06 8.98 2.30
C VAL B 12 1.58 8.74 2.15
N ILE B 13 0.78 9.76 2.41
CA ILE B 13 -0.67 9.63 2.31
C ILE B 13 -1.21 10.40 1.12
N ASN B 14 -1.83 9.70 0.19
CA ASN B 14 -2.43 10.38 -0.95
C ASN B 14 -3.78 10.86 -0.40
N LYS B 15 -3.89 12.17 -0.19
CA LYS B 15 -5.10 12.74 0.36
C LYS B 15 -6.13 13.16 -0.67
N GLY B 16 -5.97 12.74 -1.91
CA GLY B 16 -6.94 13.09 -2.93
C GLY B 16 -6.53 14.05 -4.02
N ASP B 17 -7.37 14.09 -5.06
CA ASP B 17 -7.16 14.93 -6.22
C ASP B 17 -8.12 16.12 -6.19
N GLY B 18 -7.92 17.06 -7.11
CA GLY B 18 -8.81 18.20 -7.17
C GLY B 18 -8.54 19.31 -6.17
N TYR B 19 -7.36 19.32 -5.57
CA TYR B 19 -7.05 20.37 -4.62
C TYR B 19 -6.68 21.60 -5.43
N MET B 20 -7.09 22.76 -4.94
CA MET B 20 -6.74 24.02 -5.60
C MET B 20 -6.79 25.13 -4.58
N ARG B 21 -6.11 26.23 -4.85
CA ARG B 21 -6.10 27.33 -3.91
C ARG B 21 -7.35 28.19 -3.97
N THR B 22 -7.56 28.93 -2.90
CA THR B 22 -8.71 29.80 -2.79
C THR B 22 -8.51 31.07 -3.63
N ASN B 23 -9.55 31.88 -3.70
CA ASN B 23 -9.50 33.14 -4.43
C ASN B 23 -9.13 33.02 -5.91
N ASP B 24 -9.47 31.88 -6.51
CA ASP B 24 -9.19 31.62 -7.92
C ASP B 24 -7.70 31.67 -8.28
N LYS B 25 -6.82 31.41 -7.32
CA LYS B 25 -5.40 31.46 -7.64
C LYS B 25 -5.02 30.42 -8.66
N ASP B 26 -5.90 29.44 -8.88
CA ASP B 26 -5.64 28.42 -9.87
C ASP B 26 -6.61 28.48 -11.04
N LEU B 27 -7.38 29.56 -11.11
CA LEU B 27 -8.32 29.73 -12.22
C LEU B 27 -7.52 29.93 -13.51
N ILE B 28 -7.83 29.14 -14.52
CA ILE B 28 -7.15 29.24 -15.81
C ILE B 28 -7.92 30.23 -16.69
N GLY B 29 -9.24 30.18 -16.60
CA GLY B 29 -10.06 31.07 -17.39
C GLY B 29 -11.51 30.66 -17.40
N THR B 30 -12.36 31.58 -17.85
CA THR B 30 -13.79 31.35 -17.93
C THR B 30 -14.23 31.60 -19.36
N LEU B 31 -15.12 30.76 -19.88
CA LEU B 31 -15.63 30.96 -21.22
C LEU B 31 -17.11 31.21 -21.14
N LEU B 32 -17.60 32.18 -21.90
CA LEU B 32 -19.02 32.44 -21.95
C LEU B 32 -19.41 31.77 -23.25
N ILE B 33 -20.20 30.71 -23.15
CA ILE B 33 -20.63 29.97 -24.33
C ILE B 33 -22.09 30.28 -24.68
N GLU B 34 -22.27 31.03 -25.75
CA GLU B 34 -23.61 31.40 -26.19
C GLU B 34 -24.38 30.17 -26.64
N SER B 35 -25.71 30.26 -26.60
CA SER B 35 -26.57 29.14 -26.98
C SER B 35 -26.29 28.67 -28.40
N SER B 36 -26.41 27.35 -28.61
CA SER B 36 -26.15 26.73 -29.90
C SER B 36 -24.71 26.96 -30.33
N THR B 37 -23.81 26.91 -29.35
CA THR B 37 -22.39 27.12 -29.60
C THR B 37 -21.63 26.22 -28.64
N SER B 38 -20.43 25.81 -29.03
CA SER B 38 -19.61 24.98 -28.16
C SER B 38 -18.33 25.72 -27.79
N GLY B 39 -17.90 25.51 -26.55
CA GLY B 39 -16.69 26.15 -26.06
C GLY B 39 -15.73 25.09 -25.54
N SER B 40 -14.45 25.40 -25.60
CA SER B 40 -13.45 24.45 -25.15
C SER B 40 -12.21 25.12 -24.55
N ILE B 41 -11.69 24.55 -23.47
CA ILE B 41 -10.47 25.06 -22.84
C ILE B 41 -9.49 23.89 -22.85
N ILE B 42 -8.28 24.14 -23.34
CA ILE B 42 -7.26 23.11 -23.48
C ILE B 42 -5.90 23.34 -22.83
N GLN B 43 -5.34 22.27 -22.28
CA GLN B 43 -3.99 22.29 -21.72
C GLN B 43 -3.29 21.35 -22.71
N PRO B 44 -2.74 21.92 -23.80
CA PRO B 44 -2.05 21.22 -24.89
C PRO B 44 -0.63 20.73 -24.62
N ARG B 45 -0.06 21.15 -23.50
CA ARG B 45 1.32 20.77 -23.15
C ARG B 45 2.28 21.21 -24.25
N LEU B 46 2.06 22.39 -24.81
CA LEU B 46 2.95 22.91 -25.82
C LEU B 46 4.27 23.17 -25.07
N ARG B 47 4.15 23.19 -23.74
CA ARG B 47 5.26 23.34 -22.82
C ARG B 47 4.96 22.24 -21.80
N ASN B 48 5.96 21.46 -21.43
CA ASN B 48 5.74 20.38 -20.48
C ASN B 48 5.90 20.80 -19.02
N THR B 49 6.20 22.07 -18.80
CA THR B 49 6.40 22.55 -17.43
C THR B 49 5.15 22.66 -16.57
N THR B 50 5.26 22.18 -15.33
CA THR B 50 4.18 22.24 -14.36
C THR B 50 4.78 22.85 -13.11
N ARG B 51 3.93 23.42 -12.25
CA ARG B 51 4.43 24.05 -11.03
C ARG B 51 3.89 23.40 -9.76
N PRO B 52 4.65 22.45 -9.19
CA PRO B 52 4.23 21.77 -7.96
C PRO B 52 4.18 22.76 -6.80
N LEU B 53 3.43 22.42 -5.76
CA LEU B 53 3.37 23.29 -4.58
C LEU B 53 3.90 22.45 -3.43
N PHE B 54 4.66 23.09 -2.55
CA PHE B 54 5.25 22.37 -1.44
C PHE B 54 5.16 23.12 -0.12
N ASN B 55 5.06 22.36 0.96
CA ASN B 55 4.96 22.94 2.29
C ASN B 55 5.51 21.92 3.28
N THR B 56 6.35 22.37 4.21
CA THR B 56 6.94 21.44 5.19
C THR B 56 7.10 22.06 6.57
N SER B 57 7.07 21.20 7.59
CA SER B 57 7.22 21.64 8.96
C SER B 57 8.70 21.57 9.35
N ASN B 58 9.52 21.02 8.47
CA ASN B 58 10.94 20.87 8.73
C ASN B 58 11.72 20.90 7.42
N PRO B 59 12.12 22.09 6.96
CA PRO B 59 12.87 22.29 5.70
C PRO B 59 14.22 21.59 5.66
N THR B 60 14.84 21.43 6.83
CA THR B 60 16.15 20.81 6.93
C THR B 60 16.15 19.36 6.48
N ILE B 61 15.24 18.58 7.06
CA ILE B 61 15.13 17.17 6.71
C ILE B 61 14.05 16.95 5.65
N PHE B 62 12.80 17.23 5.99
CA PHE B 62 11.69 17.08 5.05
C PHE B 62 11.72 18.23 4.05
N SER B 63 12.75 18.25 3.21
CA SER B 63 12.90 19.25 2.19
C SER B 63 12.05 18.78 1.02
N GLN B 64 11.95 19.59 -0.03
CA GLN B 64 11.15 19.21 -1.17
C GLN B 64 11.76 18.00 -1.90
N GLU B 65 13.08 18.00 -2.04
CA GLU B 65 13.74 16.89 -2.72
C GLU B 65 13.56 15.62 -1.92
N TYR B 66 13.68 15.72 -0.60
CA TYR B 66 13.51 14.57 0.26
C TYR B 66 12.09 14.03 0.12
N THR B 67 11.12 14.94 0.23
CA THR B 67 9.73 14.57 0.11
C THR B 67 9.46 13.90 -1.25
N GLU B 68 10.01 14.48 -2.30
CA GLU B 68 9.81 13.93 -3.63
C GLU B 68 10.35 12.51 -3.69
N ALA B 69 11.48 12.27 -3.02
CA ALA B 69 12.08 10.94 -2.99
C ALA B 69 11.16 9.94 -2.26
N ARG B 70 10.48 10.41 -1.22
CA ARG B 70 9.55 9.56 -0.47
C ARG B 70 8.38 9.24 -1.40
N LEU B 71 7.85 10.26 -2.07
CA LEU B 71 6.74 10.07 -3.00
C LEU B 71 7.13 9.04 -4.07
N ASN B 72 8.39 9.03 -4.46
CA ASN B 72 8.81 8.05 -5.45
C ASN B 72 8.82 6.66 -4.82
N ASP B 73 9.23 6.58 -3.55
CA ASP B 73 9.27 5.29 -2.87
C ASP B 73 7.87 4.73 -2.68
N ALA B 74 6.93 5.62 -2.35
CA ALA B 74 5.56 5.21 -2.12
C ALA B 74 4.80 4.86 -3.39
N PHE B 75 4.63 5.81 -4.30
CA PHE B 75 3.86 5.54 -5.51
C PHE B 75 4.65 5.42 -6.79
N ASN B 76 5.97 5.53 -6.67
CA ASN B 76 6.84 5.42 -7.84
C ASN B 76 6.62 6.56 -8.84
N ILE B 77 6.25 7.73 -8.36
CA ILE B 77 6.05 8.87 -9.24
C ILE B 77 7.38 9.25 -9.89
N GLN B 78 7.37 9.39 -11.21
CA GLN B 78 8.58 9.74 -11.96
C GLN B 78 8.76 11.24 -12.15
N LEU B 79 7.75 11.88 -12.75
CA LEU B 79 7.80 13.30 -13.05
C LEU B 79 7.09 14.15 -12.02
N PHE B 80 7.80 15.11 -11.46
CA PHE B 80 7.22 15.99 -10.46
C PHE B 80 6.91 17.40 -10.97
N ASN B 81 7.73 17.92 -11.87
CA ASN B 81 7.48 19.25 -12.39
C ASN B 81 7.39 19.37 -13.91
N THR B 82 6.96 18.28 -14.55
CA THR B 82 6.75 18.25 -15.99
C THR B 82 5.63 17.26 -16.28
N SER B 83 5.00 17.41 -17.44
CA SER B 83 3.91 16.54 -17.84
C SER B 83 3.72 16.58 -19.35
N THR B 84 3.39 15.43 -19.93
CA THR B 84 3.13 15.37 -21.35
C THR B 84 1.67 14.98 -21.49
N THR B 85 0.98 14.92 -20.35
CA THR B 85 -0.41 14.52 -20.28
C THR B 85 -1.35 15.69 -20.50
N LEU B 86 -2.15 15.58 -21.55
CA LEU B 86 -3.08 16.63 -21.92
C LEU B 86 -4.44 16.45 -21.27
N PHE B 87 -5.11 17.57 -21.01
CA PHE B 87 -6.47 17.53 -20.51
C PHE B 87 -7.22 18.63 -21.24
N LYS B 88 -8.50 18.39 -21.51
CA LYS B 88 -9.29 19.34 -22.26
C LYS B 88 -10.76 19.16 -21.91
N PHE B 89 -11.50 20.25 -21.90
CA PHE B 89 -12.93 20.20 -21.59
C PHE B 89 -13.74 20.77 -22.76
N VAL B 90 -14.85 20.12 -23.10
CA VAL B 90 -15.70 20.58 -24.20
C VAL B 90 -17.15 20.64 -23.75
N GLU B 91 -17.80 21.76 -24.03
CA GLU B 91 -19.18 21.96 -23.61
C GLU B 91 -20.02 22.66 -24.67
N GLU B 92 -21.21 22.15 -24.93
CA GLU B 92 -22.09 22.80 -25.88
C GLU B 92 -23.27 23.44 -25.16
N ALA B 93 -23.53 24.71 -25.46
CA ALA B 93 -24.66 25.40 -24.83
C ALA B 93 -25.96 24.98 -25.52
N PRO B 94 -27.05 24.89 -24.74
CA PRO B 94 -28.34 24.50 -25.32
C PRO B 94 -28.85 25.61 -26.23
N THR B 95 -29.99 25.40 -26.85
CA THR B 95 -30.56 26.40 -27.75
C THR B 95 -31.21 27.54 -26.98
N ASN B 96 -31.62 27.25 -25.75
CA ASN B 96 -32.31 28.22 -24.91
C ASN B 96 -31.48 29.13 -24.01
N LYS B 97 -30.32 28.67 -23.57
CA LYS B 97 -29.50 29.50 -22.68
C LYS B 97 -28.00 29.54 -22.95
N ASN B 98 -27.33 30.42 -22.21
CA ASN B 98 -25.88 30.60 -22.30
C ASN B 98 -25.22 29.87 -21.14
N ILE B 99 -24.06 29.29 -21.40
CA ILE B 99 -23.36 28.55 -20.36
C ILE B 99 -22.03 29.15 -19.99
N SER B 100 -21.68 29.01 -18.71
CA SER B 100 -20.43 29.51 -18.19
C SER B 100 -19.50 28.32 -17.94
N MET B 101 -18.31 28.37 -18.53
CA MET B 101 -17.35 27.30 -18.36
C MET B 101 -16.09 27.79 -17.64
N LYS B 102 -15.91 27.35 -16.39
CA LYS B 102 -14.73 27.75 -15.62
C LYS B 102 -13.80 26.55 -15.51
N VAL B 103 -12.51 26.78 -15.76
CA VAL B 103 -11.53 25.71 -15.66
C VAL B 103 -10.39 26.13 -14.74
N TYR B 104 -10.01 25.22 -13.87
CA TYR B 104 -8.96 25.46 -12.89
C TYR B 104 -7.85 24.42 -13.00
N ASN B 105 -6.66 24.78 -12.53
CA ASN B 105 -5.56 23.83 -12.47
C ASN B 105 -5.82 23.14 -11.13
N THR B 106 -5.36 21.91 -10.97
CA THR B 106 -5.57 21.21 -9.72
C THR B 106 -4.29 20.47 -9.30
N TYR B 107 -4.34 19.89 -8.11
CA TYR B 107 -3.22 19.14 -7.57
C TYR B 107 -3.72 17.93 -6.79
N GLU B 108 -2.86 16.94 -6.69
CA GLU B 108 -3.14 15.75 -5.91
C GLU B 108 -2.33 16.03 -4.64
N LYS B 109 -2.94 15.87 -3.48
CA LYS B 109 -2.25 16.14 -2.24
C LYS B 109 -1.60 14.90 -1.62
N TYR B 110 -0.28 14.91 -1.52
CA TYR B 110 0.45 13.80 -0.92
C TYR B 110 1.02 14.32 0.39
N GLU B 111 0.71 13.62 1.47
CA GLU B 111 1.20 14.02 2.77
C GLU B 111 2.29 13.07 3.26
N LEU B 112 3.45 13.61 3.58
CA LEU B 112 4.56 12.80 4.08
C LEU B 112 4.64 13.11 5.57
N ILE B 113 4.59 12.06 6.39
CA ILE B 113 4.67 12.25 7.82
C ILE B 113 5.64 11.32 8.53
N ASN B 114 6.20 11.83 9.63
CA ASN B 114 7.10 11.05 10.46
C ASN B 114 6.21 10.70 11.65
N TYR B 115 5.74 9.46 11.67
CA TYR B 115 4.83 8.98 12.70
C TYR B 115 5.56 8.27 13.84
N GLN B 116 5.49 8.86 15.03
CA GLN B 116 6.16 8.29 16.19
C GLN B 116 5.24 8.20 17.41
N ASN B 117 4.98 6.95 17.82
CA ASN B 117 4.15 6.62 18.97
C ASN B 117 2.80 7.31 18.96
N GLY B 118 2.06 7.14 17.86
CA GLY B 118 0.75 7.76 17.75
C GLY B 118 0.83 9.26 17.59
N ASN B 119 1.99 9.75 17.16
CA ASN B 119 2.16 11.17 16.98
C ASN B 119 2.95 11.55 15.73
N ILE B 120 2.55 12.66 15.12
CA ILE B 120 3.22 13.16 13.92
C ILE B 120 4.21 14.23 14.36
N ASP B 121 5.50 13.90 14.28
CA ASP B 121 6.55 14.84 14.69
C ASP B 121 7.05 15.70 13.55
N ASP B 122 6.80 15.25 12.32
CA ASP B 122 7.23 16.01 11.15
C ASP B 122 6.24 15.79 10.04
N LYS B 123 6.00 16.83 9.26
CA LYS B 123 5.00 16.74 8.22
C LYS B 123 5.30 17.64 7.03
N ALA B 124 5.07 17.11 5.83
CA ALA B 124 5.27 17.85 4.60
C ALA B 124 4.08 17.58 3.69
N GLU B 125 3.68 18.58 2.93
CA GLU B 125 2.57 18.43 2.01
C GLU B 125 3.05 18.76 0.61
N TYR B 126 2.95 17.77 -0.27
CA TYR B 126 3.37 17.96 -1.64
C TYR B 126 2.15 17.96 -2.55
N TYR B 127 2.02 19.02 -3.33
CA TYR B 127 0.90 19.15 -4.24
C TYR B 127 1.36 18.90 -5.65
N LEU B 128 1.08 17.69 -6.13
CA LEU B 128 1.46 17.26 -7.47
C LEU B 128 0.49 17.83 -8.49
N PRO B 129 1.00 18.58 -9.48
CA PRO B 129 0.13 19.17 -10.50
C PRO B 129 -0.74 18.08 -11.12
N SER B 130 -2.05 18.36 -11.22
CA SER B 130 -2.99 17.37 -11.74
C SER B 130 -3.62 17.75 -13.09
N LEU B 131 -4.73 17.10 -13.44
CA LEU B 131 -5.36 17.35 -14.73
C LEU B 131 -6.60 18.25 -14.79
N GLY B 132 -6.64 19.22 -13.88
CA GLY B 132 -7.70 20.21 -13.87
C GLY B 132 -9.10 19.89 -13.42
N LYS B 133 -9.88 20.96 -13.33
CA LYS B 133 -11.27 20.90 -12.92
C LYS B 133 -12.09 21.85 -13.79
N CYS B 134 -13.26 21.40 -14.23
CA CYS B 134 -14.10 22.25 -15.04
C CYS B 134 -15.47 22.36 -14.41
N GLU B 135 -15.95 23.59 -14.28
CA GLU B 135 -17.27 23.87 -13.72
C GLU B 135 -18.15 24.51 -14.78
N VAL B 136 -19.28 23.89 -15.10
CA VAL B 136 -20.18 24.50 -16.07
C VAL B 136 -21.48 24.81 -15.35
N SER B 137 -22.03 25.99 -15.63
CA SER B 137 -23.28 26.38 -15.00
C SER B 137 -23.94 27.37 -15.92
N ASP B 138 -25.19 27.73 -15.63
CA ASP B 138 -25.88 28.69 -16.47
C ASP B 138 -25.13 30.01 -16.35
N ALA B 139 -24.87 30.64 -17.48
CA ALA B 139 -24.15 31.90 -17.48
C ALA B 139 -24.86 32.90 -16.58
N PRO B 140 -24.10 33.59 -15.72
CA PRO B 140 -24.68 34.59 -14.80
C PRO B 140 -25.15 35.77 -15.64
N SER B 141 -26.01 36.60 -15.06
CA SER B 141 -26.51 37.77 -15.77
C SER B 141 -25.48 38.90 -15.76
N PRO B 142 -25.20 39.48 -16.92
CA PRO B 142 -24.23 40.58 -16.98
C PRO B 142 -24.70 41.71 -16.07
N GLN B 143 -26.01 41.74 -15.82
CA GLN B 143 -26.61 42.78 -14.99
C GLN B 143 -26.74 42.40 -13.51
N ALA B 144 -26.40 41.16 -13.17
CA ALA B 144 -26.49 40.73 -11.78
C ALA B 144 -25.83 41.79 -10.91
N PRO B 145 -26.50 42.23 -9.83
CA PRO B 145 -25.93 43.24 -8.94
C PRO B 145 -24.60 42.79 -8.30
N VAL B 146 -23.62 43.68 -8.34
CA VAL B 146 -22.32 43.39 -7.76
C VAL B 146 -22.36 43.47 -6.24
N VAL B 147 -21.86 42.42 -5.59
CA VAL B 147 -21.84 42.34 -4.13
C VAL B 147 -20.42 42.40 -3.57
N GLU B 148 -20.11 43.44 -2.79
CA GLU B 148 -18.78 43.55 -2.21
C GLU B 148 -18.53 42.30 -1.38
N THR B 149 -17.52 41.53 -1.76
CA THR B 149 -17.20 40.30 -1.06
C THR B 149 -15.74 40.25 -0.66
N PRO B 150 -15.47 40.13 0.63
CA PRO B 150 -14.08 40.07 1.12
C PRO B 150 -13.41 38.78 0.66
N VAL B 151 -12.14 38.89 0.30
CA VAL B 151 -11.36 37.75 -0.14
C VAL B 151 -11.37 36.66 0.92
N ASP B 152 -11.24 35.40 0.52
CA ASP B 152 -11.22 34.31 1.49
C ASP B 152 -9.83 34.18 2.09
N GLN B 153 -9.67 33.20 2.96
CA GLN B 153 -8.40 32.97 3.61
C GLN B 153 -7.47 32.25 2.63
N ASP B 154 -6.18 32.53 2.70
CA ASP B 154 -5.22 31.89 1.83
C ASP B 154 -5.25 30.39 2.15
N GLY B 155 -5.28 29.54 1.12
CA GLY B 155 -5.32 28.11 1.38
C GLY B 155 -5.81 27.22 0.25
N PHE B 156 -6.08 25.96 0.59
CA PHE B 156 -6.53 24.96 -0.36
C PHE B 156 -7.92 24.40 -0.04
N ILE B 157 -8.69 24.05 -1.08
CA ILE B 157 -9.98 23.41 -0.88
C ILE B 157 -9.91 22.13 -1.69
N GLN B 158 -10.64 21.10 -1.27
CA GLN B 158 -10.63 19.83 -1.99
C GLN B 158 -11.84 19.77 -2.90
N THR B 159 -11.57 19.48 -4.16
CA THR B 159 -12.58 19.44 -5.20
C THR B 159 -12.88 18.06 -5.75
N GLY B 160 -11.93 17.15 -5.60
CA GLY B 160 -12.12 15.80 -6.11
C GLY B 160 -12.85 14.89 -5.15
N PRO B 161 -12.99 13.60 -5.51
CA PRO B 161 -13.68 12.63 -4.66
C PRO B 161 -12.84 12.35 -3.42
N ASN B 162 -13.49 11.92 -2.34
CA ASN B 162 -12.78 11.63 -1.09
C ASN B 162 -11.77 10.52 -1.28
N GLU B 163 -10.59 10.72 -0.72
CA GLU B 163 -9.52 9.74 -0.84
C GLU B 163 -8.50 9.90 0.27
N ASN B 164 -8.03 8.77 0.78
CA ASN B 164 -7.04 8.76 1.84
C ASN B 164 -6.30 7.45 1.81
N ILE B 165 -5.34 7.34 0.90
CA ILE B 165 -4.57 6.11 0.76
C ILE B 165 -3.21 6.25 1.40
N ILE B 166 -2.99 5.41 2.42
CA ILE B 166 -1.77 5.39 3.21
C ILE B 166 -0.80 4.35 2.70
N VAL B 167 0.43 4.78 2.42
CA VAL B 167 1.46 3.87 1.94
C VAL B 167 2.71 4.15 2.76
N GLY B 168 3.21 3.13 3.45
CA GLY B 168 4.40 3.32 4.25
C GLY B 168 5.60 3.06 3.38
N VAL B 169 6.72 3.71 3.71
CA VAL B 169 7.94 3.52 2.94
C VAL B 169 9.05 3.12 3.89
N ILE B 170 10.05 2.39 3.39
CA ILE B 170 11.19 1.99 4.21
C ILE B 170 11.82 3.27 4.75
N ASN B 171 12.20 3.27 6.02
CA ASN B 171 12.86 4.44 6.58
C ASN B 171 14.22 4.46 5.89
N PRO B 172 14.49 5.49 5.08
CA PRO B 172 15.77 5.59 4.36
C PRO B 172 17.02 5.66 5.23
N SER B 173 16.84 5.91 6.52
CA SER B 173 17.98 6.02 7.43
C SER B 173 18.26 4.71 8.18
N GLU B 174 17.48 3.67 7.88
CA GLU B 174 17.68 2.39 8.52
C GLU B 174 18.07 1.44 7.40
N ASN B 175 19.18 0.73 7.58
CA ASN B 175 19.70 -0.16 6.57
C ASN B 175 18.87 -1.39 6.29
N ILE B 176 19.05 -1.93 5.09
CA ILE B 176 18.34 -3.12 4.66
C ILE B 176 19.28 -4.29 4.57
N GLU B 177 18.97 -5.34 5.32
CA GLU B 177 19.75 -6.57 5.30
C GLU B 177 18.97 -7.47 4.37
N GLU B 178 19.57 -8.55 3.89
CA GLU B 178 18.85 -9.41 2.97
C GLU B 178 19.20 -10.89 3.08
N ILE B 179 18.18 -11.72 3.28
CA ILE B 179 18.39 -13.15 3.34
C ILE B 179 18.19 -13.63 1.92
N SER B 180 19.31 -13.81 1.24
CA SER B 180 19.36 -14.24 -0.16
C SER B 180 18.54 -15.48 -0.51
N THR B 181 18.76 -16.57 0.23
CA THR B 181 18.08 -17.81 -0.05
C THR B 181 16.68 -17.89 0.55
N PRO B 182 15.69 -18.36 -0.23
CA PRO B 182 14.32 -18.47 0.26
C PRO B 182 14.35 -19.34 1.51
N ILE B 183 13.90 -18.81 2.64
CA ILE B 183 13.92 -19.58 3.87
C ILE B 183 13.04 -20.83 3.85
N PRO B 184 13.56 -21.95 4.38
CA PRO B 184 12.83 -23.21 4.44
C PRO B 184 11.89 -23.22 5.64
N ASP B 185 11.44 -24.40 6.07
CA ASP B 185 10.53 -24.50 7.21
C ASP B 185 11.14 -23.95 8.50
N ASP B 186 12.45 -24.07 8.64
CA ASP B 186 13.15 -23.57 9.82
C ASP B 186 14.33 -22.73 9.38
N TYR B 187 14.56 -21.62 10.08
CA TYR B 187 15.68 -20.76 9.73
C TYR B 187 16.03 -19.81 10.84
N THR B 188 17.34 -19.67 11.08
CA THR B 188 17.82 -18.76 12.11
C THR B 188 18.76 -17.77 11.45
N TYR B 189 18.50 -16.49 11.69
CA TYR B 189 19.29 -15.42 11.12
C TYR B 189 19.98 -14.66 12.24
N ASN B 190 21.29 -14.49 12.14
CA ASN B 190 22.03 -13.76 13.16
C ASN B 190 22.01 -12.28 12.80
N ILE B 191 21.48 -11.47 13.72
CA ILE B 191 21.42 -10.03 13.50
C ILE B 191 22.81 -9.41 13.58
N PRO B 192 23.27 -8.82 12.47
CA PRO B 192 24.59 -8.18 12.41
C PRO B 192 24.76 -7.14 13.51
N THR B 193 26.02 -6.86 13.84
CA THR B 193 26.35 -5.91 14.88
C THR B 193 25.87 -4.50 14.58
N SER B 194 25.56 -4.23 13.32
CA SER B 194 25.08 -2.91 12.92
C SER B 194 23.82 -2.54 13.69
N ILE B 195 23.13 -3.56 14.20
CA ILE B 195 21.90 -3.37 14.96
C ILE B 195 22.11 -2.55 16.23
N GLN B 196 23.34 -2.51 16.72
CA GLN B 196 23.63 -1.74 17.92
C GLN B 196 23.50 -0.26 17.63
N ASN B 197 23.73 0.10 16.38
CA ASN B 197 23.72 1.49 15.95
C ASN B 197 22.41 2.06 15.44
N ASN B 198 21.53 1.19 14.97
CA ASN B 198 20.22 1.62 14.48
C ASN B 198 19.40 0.43 13.99
N ALA B 199 18.08 0.64 13.91
CA ALA B 199 17.17 -0.41 13.46
C ALA B 199 17.48 -0.76 12.02
N CYS B 200 17.06 -1.94 11.60
CA CYS B 200 17.29 -2.37 10.23
C CYS B 200 16.10 -3.19 9.75
N TYR B 201 16.08 -3.50 8.46
CA TYR B 201 15.01 -4.29 7.87
C TYR B 201 15.66 -5.52 7.31
N VAL B 202 14.96 -6.64 7.35
CA VAL B 202 15.51 -7.86 6.78
C VAL B 202 14.53 -8.27 5.69
N LEU B 203 15.02 -8.25 4.46
CA LEU B 203 14.22 -8.60 3.30
C LEU B 203 14.39 -10.09 3.03
N PHE B 204 13.27 -10.78 2.79
CA PHE B 204 13.32 -12.21 2.53
C PHE B 204 12.04 -12.71 1.90
N LYS B 205 12.02 -14.00 1.59
CA LYS B 205 10.84 -14.65 1.02
C LYS B 205 10.88 -16.11 1.49
N VAL B 206 9.73 -16.73 1.64
CA VAL B 206 9.66 -18.11 2.08
C VAL B 206 9.61 -19.04 0.88
N ASN B 207 10.24 -20.19 1.02
CA ASN B 207 10.25 -21.16 -0.06
C ASN B 207 8.87 -21.80 -0.19
N THR B 208 8.14 -21.89 0.91
CA THR B 208 6.81 -22.50 0.89
C THR B 208 5.73 -21.66 1.55
N THR B 209 4.64 -21.42 0.83
CA THR B 209 3.54 -20.63 1.37
C THR B 209 2.97 -21.33 2.61
N GLY B 210 2.55 -20.56 3.60
CA GLY B 210 2.00 -21.13 4.81
C GLY B 210 2.07 -20.15 5.97
N VAL B 211 1.78 -20.61 7.17
CA VAL B 211 1.83 -19.74 8.34
C VAL B 211 3.19 -19.88 9.02
N TYR B 212 3.71 -18.78 9.54
CA TYR B 212 5.02 -18.80 10.17
C TYR B 212 5.04 -18.11 11.52
N LYS B 213 5.91 -18.60 12.39
CA LYS B 213 6.11 -18.01 13.70
C LYS B 213 7.47 -17.34 13.53
N ILE B 214 7.56 -16.07 13.91
CA ILE B 214 8.80 -15.32 13.77
C ILE B 214 9.06 -14.60 15.08
N THR B 215 10.29 -14.66 15.56
CA THR B 215 10.63 -14.02 16.83
C THR B 215 12.11 -14.02 17.11
N THR B 216 12.49 -13.31 18.18
CA THR B 216 13.87 -13.24 18.64
C THR B 216 13.92 -14.34 19.69
N LYS B 217 15.08 -14.95 19.91
CA LYS B 217 15.18 -16.05 20.87
C LYS B 217 14.61 -15.77 22.26
N ASN B 218 14.55 -14.50 22.66
CA ASN B 218 14.00 -14.17 23.97
C ASN B 218 12.64 -13.48 23.87
N ASN B 219 12.08 -13.47 22.66
CA ASN B 219 10.79 -12.81 22.38
C ASN B 219 10.95 -11.32 22.62
N LEU B 220 12.20 -10.88 22.55
CA LEU B 220 12.53 -9.48 22.76
C LEU B 220 13.79 -9.20 21.93
N PRO B 221 13.81 -8.06 21.22
CA PRO B 221 12.75 -7.03 21.15
C PRO B 221 11.58 -7.48 20.30
N PRO B 222 10.50 -6.68 20.28
CA PRO B 222 9.33 -7.03 19.48
C PRO B 222 9.65 -6.81 18.01
N LEU B 223 9.10 -7.65 17.14
CA LEU B 223 9.35 -7.50 15.73
C LEU B 223 8.14 -6.94 14.97
N ILE B 224 8.40 -6.32 13.82
CA ILE B 224 7.36 -5.76 12.96
C ILE B 224 7.59 -6.33 11.57
N ILE B 225 6.52 -6.74 10.90
CA ILE B 225 6.69 -7.28 9.55
C ILE B 225 5.84 -6.54 8.51
N TYR B 226 6.44 -6.35 7.33
CA TYR B 226 5.79 -5.66 6.23
C TYR B 226 5.84 -6.50 4.98
N GLU B 227 4.98 -6.14 4.03
CA GLU B 227 4.94 -6.80 2.74
C GLU B 227 5.50 -5.75 1.77
N ALA B 228 6.24 -6.19 0.75
CA ALA B 228 6.79 -5.27 -0.25
C ALA B 228 5.71 -5.14 -1.32
N ILE B 229 4.95 -4.04 -1.28
CA ILE B 229 3.85 -3.82 -2.21
C ILE B 229 4.21 -3.93 -3.69
N GLY B 230 3.51 -4.83 -4.38
CA GLY B 230 3.73 -5.04 -5.80
C GLY B 230 4.89 -5.96 -6.10
N SER B 231 5.45 -6.57 -5.06
CA SER B 231 6.58 -7.48 -5.20
C SER B 231 6.17 -8.83 -5.75
N SER B 232 4.88 -9.14 -5.68
CA SER B 232 4.41 -10.43 -6.15
C SER B 232 4.35 -10.61 -7.67
N ASN B 233 4.71 -11.82 -8.10
CA ASN B 233 4.69 -12.22 -9.49
C ASN B 233 5.57 -11.41 -10.46
N ARG B 234 6.75 -11.00 -10.00
CA ARG B 234 7.67 -10.29 -10.88
C ARG B 234 8.86 -11.22 -11.16
N ASN B 235 10.08 -10.72 -11.14
CA ASN B 235 11.21 -11.62 -11.39
C ASN B 235 11.36 -12.60 -10.24
N MET B 236 11.64 -13.85 -10.59
CA MET B 236 11.77 -14.90 -9.59
C MET B 236 12.87 -15.90 -9.92
N ASN B 237 13.41 -16.50 -8.87
CA ASN B 237 14.46 -17.51 -8.96
C ASN B 237 14.27 -18.43 -7.75
N SER B 238 13.91 -19.68 -8.01
CA SER B 238 13.67 -20.65 -6.94
C SER B 238 14.80 -20.77 -5.91
N ASN B 239 16.03 -20.51 -6.33
CA ASN B 239 17.18 -20.60 -5.43
C ASN B 239 17.69 -19.24 -4.99
N ASN B 240 16.98 -18.18 -5.33
CA ASN B 240 17.44 -16.85 -4.98
C ASN B 240 16.35 -15.79 -4.94
N LEU B 241 16.47 -14.87 -3.99
CA LEU B 241 15.50 -13.79 -3.84
C LEU B 241 15.84 -12.68 -4.83
N SER B 242 14.95 -12.46 -5.79
CA SER B 242 15.16 -11.41 -6.78
C SER B 242 14.72 -10.08 -6.16
N ASN B 243 15.52 -9.04 -6.38
CA ASN B 243 15.20 -7.73 -5.81
C ASN B 243 14.46 -6.78 -6.76
N ASP B 244 13.79 -5.80 -6.16
CA ASP B 244 13.03 -4.79 -6.89
C ASP B 244 13.28 -3.46 -6.19
N ASN B 245 14.01 -3.53 -5.08
CA ASN B 245 14.30 -2.33 -4.29
C ASN B 245 13.00 -1.62 -3.93
N ILE B 246 11.88 -2.36 -3.97
CA ILE B 246 10.57 -1.81 -3.63
C ILE B 246 10.61 -1.21 -2.23
N LYS B 247 10.58 0.10 -2.13
CA LYS B 247 10.61 0.76 -0.83
C LYS B 247 9.21 1.04 -0.28
N ALA B 248 8.19 0.55 -0.96
CA ALA B 248 6.81 0.76 -0.51
C ALA B 248 6.42 -0.45 0.31
N ILE B 249 6.05 -0.21 1.57
CA ILE B 249 5.72 -1.32 2.45
C ILE B 249 4.35 -1.31 3.12
N LYS B 250 3.73 -2.48 3.14
CA LYS B 250 2.43 -2.68 3.75
C LYS B 250 2.59 -3.35 5.12
N TYR B 251 2.23 -2.61 6.17
CA TYR B 251 2.30 -3.10 7.53
C TYR B 251 1.39 -4.31 7.73
N ILE B 252 1.94 -5.44 8.14
CA ILE B 252 1.14 -6.65 8.40
C ILE B 252 0.79 -6.64 9.89
N THR B 253 1.78 -6.87 10.73
CA THR B 253 1.59 -6.88 12.18
C THR B 253 2.92 -6.63 12.89
N GLY B 254 2.84 -6.16 14.14
CA GLY B 254 4.03 -5.88 14.92
C GLY B 254 3.90 -4.61 15.76
N LEU B 255 4.72 -4.49 16.80
CA LEU B 255 4.66 -3.34 17.70
C LEU B 255 6.02 -2.68 17.92
N ASN B 256 6.00 -1.51 18.54
CA ASN B 256 7.22 -0.77 18.84
C ASN B 256 7.54 -0.75 20.34
N ARG B 257 6.52 -0.87 21.19
CA ARG B 257 6.73 -0.85 22.64
C ARG B 257 7.90 -1.75 23.04
N SER B 258 8.87 -1.17 23.73
CA SER B 258 10.08 -1.87 24.17
C SER B 258 9.89 -3.14 24.99
N ASP B 259 8.91 -3.14 25.89
CA ASP B 259 8.68 -4.30 26.74
C ASP B 259 7.59 -5.26 26.26
N ALA B 260 7.32 -5.26 24.96
CA ALA B 260 6.29 -6.16 24.44
C ALA B 260 6.88 -7.51 24.07
N LYS B 261 7.17 -8.33 25.08
CA LYS B 261 7.71 -9.65 24.84
C LYS B 261 6.70 -10.33 23.92
N SER B 262 7.17 -10.87 22.80
CA SER B 262 6.24 -11.48 21.87
C SER B 262 6.88 -12.19 20.68
N TYR B 263 6.01 -12.69 19.82
CA TYR B 263 6.41 -13.37 18.60
C TYR B 263 5.27 -13.16 17.63
N LEU B 264 5.56 -13.28 16.34
CA LEU B 264 4.55 -13.06 15.33
C LEU B 264 4.08 -14.36 14.72
N ILE B 265 2.82 -14.36 14.31
CA ILE B 265 2.24 -15.50 13.62
C ILE B 265 1.59 -14.85 12.41
N VAL B 266 2.16 -15.13 11.24
CA VAL B 266 1.67 -14.53 10.03
C VAL B 266 1.61 -15.48 8.84
N SER B 267 0.73 -15.15 7.91
CA SER B 267 0.55 -15.94 6.71
C SER B 267 1.51 -15.36 5.65
N LEU B 268 2.39 -16.19 5.11
CA LEU B 268 3.36 -15.72 4.12
C LEU B 268 3.23 -16.47 2.81
N PHE B 269 3.30 -15.73 1.70
CA PHE B 269 3.19 -16.31 0.37
C PHE B 269 4.55 -16.26 -0.31
N LYS B 270 4.94 -17.36 -0.94
CA LYS B 270 6.25 -17.42 -1.58
C LYS B 270 6.46 -16.47 -2.75
N ASP B 271 5.37 -16.10 -3.44
CA ASP B 271 5.50 -15.20 -4.57
C ASP B 271 5.70 -13.75 -4.15
N LYS B 272 5.75 -13.51 -2.85
CA LYS B 272 5.92 -12.15 -2.34
C LYS B 272 7.19 -11.96 -1.56
N ASN B 273 7.59 -10.70 -1.39
CA ASN B 273 8.77 -10.35 -0.61
C ASN B 273 8.30 -9.65 0.64
N TYR B 274 8.99 -9.89 1.75
CA TYR B 274 8.64 -9.28 3.03
C TYR B 274 9.83 -8.63 3.70
N TYR B 275 9.52 -7.74 4.64
CA TYR B 275 10.54 -7.04 5.40
C TYR B 275 10.22 -7.17 6.88
N ILE B 276 11.25 -7.48 7.66
CA ILE B 276 11.08 -7.57 9.09
C ILE B 276 11.95 -6.46 9.64
N ARG B 277 11.35 -5.52 10.34
CA ARG B 277 12.13 -4.45 10.92
C ARG B 277 12.51 -4.86 12.32
N ILE B 278 13.82 -4.90 12.57
CA ILE B 278 14.36 -5.25 13.88
C ILE B 278 14.79 -3.94 14.52
N PRO B 279 14.26 -3.63 15.71
CA PRO B 279 14.65 -2.38 16.37
C PRO B 279 16.14 -2.38 16.71
N GLN B 280 16.64 -1.23 17.12
CA GLN B 280 18.02 -1.11 17.51
C GLN B 280 18.15 -1.89 18.82
N ILE B 281 18.97 -2.94 18.82
CA ILE B 281 19.16 -3.76 20.01
C ILE B 281 19.93 -3.02 21.11
N SER B 282 21.15 -2.59 20.80
CA SER B 282 21.98 -1.87 21.76
C SER B 282 22.58 -2.75 22.85
N SER B 283 23.15 -3.88 22.45
CA SER B 283 23.77 -4.82 23.37
C SER B 283 24.94 -5.48 22.64
N SER B 284 25.95 -5.90 23.39
CA SER B 284 27.10 -6.55 22.79
C SER B 284 26.88 -8.02 22.48
N THR B 285 25.76 -8.58 22.95
CA THR B 285 25.44 -9.98 22.71
C THR B 285 24.65 -10.13 21.40
N THR B 286 25.03 -11.11 20.59
CA THR B 286 24.37 -11.35 19.32
C THR B 286 22.95 -11.87 19.44
N SER B 287 22.03 -11.19 18.75
CA SER B 287 20.61 -11.57 18.75
C SER B 287 20.33 -12.42 17.52
N GLN B 288 19.20 -13.12 17.54
CA GLN B 288 18.83 -13.94 16.41
C GLN B 288 17.39 -13.73 15.97
N LEU B 289 17.13 -14.09 14.74
CA LEU B 289 15.80 -13.97 14.16
C LEU B 289 15.43 -15.40 13.78
N ILE B 290 14.48 -16.00 14.50
CA ILE B 290 14.07 -17.37 14.21
C ILE B 290 12.76 -17.44 13.44
N PHE B 291 12.76 -18.23 12.37
CA PHE B 291 11.59 -18.44 11.52
C PHE B 291 11.18 -19.90 11.61
N LYS B 292 9.88 -20.16 11.73
CA LYS B 292 9.41 -21.54 11.75
C LYS B 292 8.01 -21.67 11.18
N ARG B 293 7.89 -22.46 10.12
CA ARG B 293 6.61 -22.67 9.48
C ARG B 293 5.77 -23.54 10.40
N GLU B 294 4.54 -23.09 10.67
CA GLU B 294 3.64 -23.82 11.54
C GLU B 294 2.52 -24.51 10.78
N LEU B 295 2.31 -25.78 11.10
CA LEU B 295 1.23 -26.56 10.49
C LEU B 295 0.18 -26.60 11.58
N GLY B 296 -1.09 -26.63 11.21
CA GLY B 296 -2.13 -26.66 12.24
C GLY B 296 -2.94 -25.39 12.38
N ASN B 297 -3.99 -25.45 13.20
CA ASN B 297 -4.87 -24.30 13.37
C ASN B 297 -4.28 -23.16 14.19
N ILE B 298 -2.97 -23.08 14.26
CA ILE B 298 -2.32 -21.97 14.97
C ILE B 298 -2.51 -20.79 14.01
N SER B 299 -2.86 -21.15 12.77
CA SER B 299 -3.12 -20.21 11.69
C SER B 299 -4.34 -19.33 12.02
N ASP B 300 -5.08 -19.72 13.06
CA ASP B 300 -6.25 -18.97 13.50
C ASP B 300 -5.82 -17.57 13.91
N LEU B 301 -4.56 -17.45 14.33
CA LEU B 301 -4.02 -16.18 14.77
C LEU B 301 -3.36 -15.42 13.62
N ALA B 302 -3.33 -16.03 12.43
CA ALA B 302 -2.72 -15.48 11.22
C ALA B 302 -2.73 -13.95 11.14
N ASP B 303 -1.52 -13.42 11.16
CA ASP B 303 -1.28 -11.99 11.15
C ASP B 303 -1.76 -11.43 12.45
N SER B 304 -0.90 -11.61 13.45
CA SER B 304 -1.17 -11.14 14.80
C SER B 304 0.13 -11.16 15.58
N THR B 305 0.27 -10.23 16.52
CA THR B 305 1.42 -10.19 17.39
C THR B 305 0.94 -10.93 18.66
N VAL B 306 1.63 -11.99 19.07
CA VAL B 306 1.22 -12.71 20.27
C VAL B 306 2.04 -12.20 21.46
N ASN B 307 1.39 -11.40 22.31
CA ASN B 307 2.03 -10.81 23.49
C ASN B 307 2.08 -11.74 24.70
N ILE B 308 3.28 -12.08 25.17
CA ILE B 308 3.42 -12.96 26.32
C ILE B 308 3.18 -12.17 27.61
N LEU B 309 2.15 -12.56 28.36
CA LEU B 309 1.81 -11.86 29.60
C LEU B 309 2.68 -12.26 30.79
N ASP B 310 3.11 -11.25 31.54
CA ASP B 310 3.98 -11.39 32.70
C ASP B 310 3.32 -10.91 34.00
N ASN B 311 3.86 -11.38 35.14
CA ASN B 311 3.37 -11.02 36.47
C ASN B 311 1.90 -11.34 36.65
N LEU B 312 1.55 -12.60 36.47
CA LEU B 312 0.17 -13.08 36.59
C LEU B 312 -0.19 -13.65 37.95
N ASN B 313 0.81 -14.16 38.68
CA ASN B 313 0.57 -14.76 39.99
C ASN B 313 0.28 -13.73 41.09
N THR B 314 -0.72 -12.89 40.84
CA THR B 314 -1.15 -11.88 41.80
C THR B 314 -2.65 -11.84 41.60
N SER B 315 -3.36 -11.09 42.44
CA SER B 315 -4.80 -11.03 42.32
C SER B 315 -5.26 -9.70 41.72
N GLY B 316 -6.45 -9.68 41.15
CA GLY B 316 -6.97 -8.46 40.57
C GLY B 316 -6.56 -8.15 39.14
N THR B 317 -6.47 -6.85 38.83
CA THR B 317 -6.12 -6.38 37.50
C THR B 317 -4.72 -6.74 37.01
N HIS B 318 -4.62 -6.88 35.70
CA HIS B 318 -3.36 -7.19 35.02
C HIS B 318 -3.46 -6.50 33.66
N TYR B 319 -3.14 -5.21 33.66
CA TYR B 319 -3.21 -4.39 32.46
C TYR B 319 -2.00 -4.51 31.54
N TYR B 320 -2.25 -4.43 30.24
CA TYR B 320 -1.20 -4.52 29.23
C TYR B 320 -1.53 -3.54 28.11
N THR B 321 -0.81 -2.43 28.09
CA THR B 321 -1.00 -1.40 27.07
C THR B 321 -0.21 -1.75 25.81
N ARG B 322 -0.90 -1.75 24.67
CA ARG B 322 -0.28 -2.08 23.39
C ARG B 322 -0.88 -1.22 22.28
N GLN B 323 -0.11 -1.02 21.21
CA GLN B 323 -0.59 -0.24 20.08
C GLN B 323 -1.74 -1.03 19.46
N SER B 324 -2.88 -0.38 19.30
CA SER B 324 -4.05 -1.06 18.77
C SER B 324 -4.07 -1.37 17.27
N PRO B 325 -4.49 -2.59 16.93
CA PRO B 325 -4.58 -3.01 15.52
C PRO B 325 -5.73 -2.18 14.96
N ASP B 326 -5.84 -2.10 13.64
CA ASP B 326 -6.93 -1.34 13.03
C ASP B 326 -8.21 -2.17 13.14
N VAL B 327 -9.37 -1.52 12.97
CA VAL B 327 -10.63 -2.22 13.04
C VAL B 327 -10.57 -3.44 12.12
N GLY B 328 -10.96 -4.59 12.63
CA GLY B 328 -10.94 -5.80 11.82
C GLY B 328 -9.67 -6.61 11.96
N ASN B 329 -8.63 -6.02 12.53
CA ASN B 329 -7.38 -6.76 12.71
C ASN B 329 -7.20 -7.35 14.10
N TYR B 330 -6.25 -8.28 14.21
CA TYR B 330 -5.98 -8.97 15.46
C TYR B 330 -4.79 -8.47 16.27
N ILE B 331 -4.79 -8.89 17.53
CA ILE B 331 -3.72 -8.65 18.50
C ILE B 331 -3.98 -9.76 19.51
N SER B 332 -2.97 -10.56 19.78
CA SER B 332 -3.12 -11.69 20.69
C SER B 332 -2.32 -11.61 22.00
N TYR B 333 -2.70 -12.45 22.94
CA TYR B 333 -2.05 -12.48 24.24
C TYR B 333 -1.88 -13.93 24.70
N GLN B 334 -0.66 -14.29 25.08
CA GLN B 334 -0.39 -15.64 25.55
C GLN B 334 -0.32 -15.68 27.08
N LEU B 335 -0.98 -16.66 27.67
CA LEU B 335 -1.06 -16.82 29.11
C LEU B 335 -0.72 -18.21 29.63
N THR B 336 0.34 -18.32 30.41
CA THR B 336 0.66 -19.60 31.03
C THR B 336 0.22 -19.37 32.47
N ILE B 337 -0.87 -20.01 32.86
CA ILE B 337 -1.45 -19.86 34.19
C ILE B 337 -0.49 -20.23 35.32
N PRO B 338 -0.35 -19.34 36.33
CA PRO B 338 0.53 -19.56 37.48
C PRO B 338 0.16 -20.83 38.24
N GLY B 339 1.17 -21.60 38.63
CA GLY B 339 0.92 -22.83 39.36
C GLY B 339 1.32 -24.04 38.57
N ASP B 340 1.34 -25.21 39.21
CA ASP B 340 1.71 -26.43 38.51
C ASP B 340 0.50 -27.08 37.87
N PHE B 341 0.74 -27.92 36.87
CA PHE B 341 -0.35 -28.55 36.16
C PHE B 341 -0.87 -29.87 36.70
N ASN B 342 -2.19 -29.99 36.73
CA ASN B 342 -2.93 -31.17 37.17
C ASN B 342 -4.41 -30.87 36.96
N ASN B 343 -4.89 -31.14 35.76
CA ASN B 343 -6.28 -30.89 35.39
C ASN B 343 -7.11 -30.14 36.42
N ILE B 344 -7.45 -30.76 37.55
CA ILE B 344 -8.28 -30.07 38.54
C ILE B 344 -7.84 -28.66 39.00
N ALA B 345 -6.55 -28.45 39.26
CA ALA B 345 -6.13 -27.13 39.73
C ALA B 345 -6.41 -26.02 38.71
N SER B 346 -7.20 -25.03 39.12
CA SER B 346 -7.58 -23.93 38.23
C SER B 346 -7.56 -22.55 38.87
N SER B 347 -7.73 -21.53 38.04
CA SER B 347 -7.78 -20.14 38.50
C SER B 347 -8.82 -19.39 37.69
N ILE B 348 -9.56 -18.50 38.33
CA ILE B 348 -10.60 -17.72 37.66
C ILE B 348 -10.08 -16.43 37.06
N PHE B 349 -10.41 -16.23 35.78
CA PHE B 349 -9.99 -15.04 35.05
C PHE B 349 -11.16 -14.36 34.35
N SER B 350 -11.04 -13.05 34.19
CA SER B 350 -12.05 -12.24 33.50
C SER B 350 -11.32 -11.36 32.50
N PHE B 351 -11.48 -11.66 31.23
CA PHE B 351 -10.82 -10.90 30.18
C PHE B 351 -11.62 -9.67 29.80
N ARG B 352 -10.93 -8.57 29.58
CA ARG B 352 -11.58 -7.31 29.29
C ARG B 352 -10.57 -6.38 28.57
N THR B 353 -11.07 -5.34 27.92
CA THR B 353 -10.20 -4.37 27.26
C THR B 353 -10.68 -3.02 27.76
N ARG B 354 -9.90 -1.96 27.59
CA ARG B 354 -10.36 -0.69 28.11
C ARG B 354 -10.49 0.51 27.17
N ASN B 355 -9.65 0.60 26.16
CA ASN B 355 -9.76 1.74 25.26
C ASN B 355 -10.62 1.45 24.05
N ASN B 356 -10.23 0.42 23.31
CA ASN B 356 -10.93 0.03 22.12
C ASN B 356 -11.79 -1.21 22.34
N GLN B 357 -12.88 -1.30 21.60
CA GLN B 357 -13.81 -2.41 21.68
C GLN B 357 -13.38 -3.50 20.71
N GLY B 358 -13.78 -4.73 20.98
CA GLY B 358 -13.42 -5.82 20.10
C GLY B 358 -14.14 -7.12 20.40
N ILE B 359 -13.86 -8.13 19.59
CA ILE B 359 -14.42 -9.46 19.72
C ILE B 359 -13.30 -10.39 20.18
N GLY B 360 -13.51 -11.08 21.29
CA GLY B 360 -12.47 -11.97 21.79
C GLY B 360 -12.71 -13.46 21.55
N THR B 361 -11.61 -14.21 21.47
CA THR B 361 -11.65 -15.66 21.29
C THR B 361 -10.61 -16.28 22.22
N LEU B 362 -11.04 -17.15 23.13
CA LEU B 362 -10.11 -17.78 24.06
C LEU B 362 -9.71 -19.18 23.58
N TYR B 363 -8.40 -19.40 23.47
CA TYR B 363 -7.89 -20.67 23.01
C TYR B 363 -7.02 -21.36 24.06
N ARG B 364 -7.01 -22.67 24.01
CA ARG B 364 -6.21 -23.48 24.90
C ARG B 364 -5.09 -23.95 23.98
N LEU B 365 -3.86 -23.58 24.29
CA LEU B 365 -2.73 -23.98 23.47
C LEU B 365 -2.26 -25.37 23.85
N THR B 366 -2.20 -26.27 22.87
CA THR B 366 -1.77 -27.64 23.14
C THR B 366 -0.65 -28.09 22.23
N GLU B 367 0.16 -29.02 22.72
CA GLU B 367 1.29 -29.55 21.98
C GLU B 367 0.96 -30.87 21.30
N SER B 368 1.71 -31.19 20.26
CA SER B 368 1.56 -32.41 19.49
C SER B 368 2.86 -32.60 18.72
N ILE B 369 3.15 -33.83 18.32
CA ILE B 369 4.37 -34.08 17.55
C ILE B 369 4.05 -33.76 16.10
N ASN B 370 2.90 -33.11 15.92
CA ASN B 370 2.42 -32.68 14.62
C ASN B 370 2.26 -31.17 14.70
N GLY B 371 3.00 -30.56 15.61
CA GLY B 371 2.94 -29.12 15.79
C GLY B 371 1.97 -28.75 16.90
N TYR B 372 1.51 -27.50 16.87
CA TYR B 372 0.58 -27.02 17.88
C TYR B 372 -0.87 -27.31 17.51
N ASN B 373 -1.77 -26.86 18.37
CA ASN B 373 -3.20 -27.03 18.18
C ASN B 373 -3.93 -26.13 19.16
N LEU B 374 -4.97 -25.45 18.68
CA LEU B 374 -5.75 -24.59 19.53
C LEU B 374 -7.14 -25.16 19.69
N ILE B 375 -7.67 -25.09 20.90
CA ILE B 375 -9.01 -25.56 21.19
C ILE B 375 -9.78 -24.33 21.66
N THR B 376 -10.88 -24.01 20.99
CA THR B 376 -11.64 -22.84 21.39
C THR B 376 -12.33 -23.11 22.73
N ILE B 377 -12.08 -22.25 23.70
CA ILE B 377 -12.67 -22.39 25.02
C ILE B 377 -13.92 -21.54 25.13
N ASN B 378 -13.89 -20.37 24.51
CA ASN B 378 -15.03 -19.46 24.56
C ASN B 378 -14.83 -18.30 23.61
N ASN B 379 -15.89 -17.53 23.38
CA ASN B 379 -15.86 -16.37 22.51
C ASN B 379 -16.55 -15.22 23.22
N TYR B 380 -16.15 -13.99 22.91
CA TYR B 380 -16.74 -12.82 23.55
C TYR B 380 -17.15 -11.76 22.54
N SER B 381 -18.43 -11.44 22.50
CA SER B 381 -18.93 -10.44 21.57
C SER B 381 -18.81 -9.02 22.12
N ASP B 382 -18.36 -8.90 23.36
CA ASP B 382 -18.18 -7.59 24.00
C ASP B 382 -17.03 -7.70 25.01
N LEU B 383 -15.90 -7.08 24.70
CA LEU B 383 -14.74 -7.12 25.59
C LEU B 383 -14.66 -5.94 26.54
N LEU B 384 -15.12 -4.79 26.08
CA LEU B 384 -15.08 -3.57 26.88
C LEU B 384 -15.92 -3.71 28.15
N ASN B 385 -17.02 -4.46 28.07
CA ASN B 385 -17.90 -4.64 29.22
C ASN B 385 -18.07 -6.09 29.65
N ASN B 386 -17.16 -6.96 29.23
CA ASN B 386 -17.25 -8.36 29.61
C ASN B 386 -17.12 -8.51 31.12
N VAL B 387 -18.02 -9.31 31.70
CA VAL B 387 -18.02 -9.55 33.15
C VAL B 387 -17.99 -11.04 33.40
N GLU B 388 -18.21 -11.82 32.35
CA GLU B 388 -18.23 -13.27 32.44
C GLU B 388 -16.85 -13.83 32.80
N PRO B 389 -16.76 -14.55 33.93
CA PRO B 389 -15.50 -15.13 34.39
C PRO B 389 -15.29 -16.50 33.74
N ILE B 390 -14.06 -16.98 33.78
CA ILE B 390 -13.72 -18.27 33.19
C ILE B 390 -12.60 -18.91 34.02
N SER B 391 -12.71 -20.20 34.29
CA SER B 391 -11.69 -20.89 35.07
C SER B 391 -10.68 -21.56 34.15
N LEU B 392 -9.40 -21.29 34.39
CA LEU B 392 -8.34 -21.84 33.58
C LEU B 392 -7.40 -22.74 34.38
N LEU B 393 -7.01 -23.86 33.79
CA LEU B 393 -6.12 -24.81 34.43
C LEU B 393 -4.73 -24.22 34.71
N ASN B 394 -4.29 -24.33 35.95
CA ASN B 394 -2.99 -23.83 36.37
C ASN B 394 -1.89 -24.59 35.63
N GLY B 395 -0.82 -23.87 35.30
CA GLY B 395 0.28 -24.49 34.59
C GLY B 395 -0.04 -24.75 33.12
N ALA B 396 -1.20 -24.30 32.67
CA ALA B 396 -1.60 -24.48 31.29
C ALA B 396 -1.42 -23.16 30.53
N THR B 397 -1.32 -23.26 29.21
CA THR B 397 -1.14 -22.08 28.38
C THR B 397 -2.35 -21.78 27.49
N TYR B 398 -2.80 -20.54 27.57
CA TYR B 398 -3.96 -20.07 26.81
C TYR B 398 -3.58 -18.85 25.97
N ILE B 399 -4.22 -18.73 24.80
CA ILE B 399 -3.99 -17.58 23.93
C ILE B 399 -5.34 -16.89 23.72
N PHE B 400 -5.37 -15.59 23.95
CA PHE B 400 -6.58 -14.81 23.79
C PHE B 400 -6.46 -13.88 22.58
N ARG B 401 -7.31 -14.10 21.57
CA ARG B 401 -7.28 -13.28 20.37
C ARG B 401 -8.34 -12.17 20.37
N VAL B 402 -7.89 -10.96 20.05
CA VAL B 402 -8.79 -9.82 20.00
C VAL B 402 -8.90 -9.23 18.60
N LYS B 403 -10.12 -9.17 18.07
CA LYS B 403 -10.36 -8.55 16.78
C LYS B 403 -10.95 -7.19 17.10
N VAL B 404 -10.24 -6.13 16.74
CA VAL B 404 -10.72 -4.78 17.03
C VAL B 404 -11.98 -4.45 16.23
N THR B 405 -12.96 -3.87 16.91
CA THR B 405 -14.22 -3.50 16.25
C THR B 405 -14.44 -2.01 16.42
N GLU B 406 -13.66 -1.39 17.30
CA GLU B 406 -13.80 0.04 17.55
C GLU B 406 -12.45 0.66 17.93
N LEU B 407 -11.93 1.53 17.07
CA LEU B 407 -10.65 2.17 17.30
C LEU B 407 -10.82 3.56 17.90
N ASN B 408 -10.99 3.61 19.23
CA ASN B 408 -11.18 4.87 19.93
C ASN B 408 -9.87 5.53 20.35
N ASN B 409 -8.84 4.71 20.53
CA ASN B 409 -7.55 5.23 20.98
C ASN B 409 -6.36 4.52 20.32
N TYR B 410 -5.24 5.23 20.26
CA TYR B 410 -4.02 4.70 19.69
C TYR B 410 -3.66 3.35 20.31
N ASN B 411 -3.85 3.25 21.62
CA ASN B 411 -3.56 2.02 22.36
C ASN B 411 -4.81 1.27 22.77
N ILE B 412 -4.68 -0.05 22.79
CA ILE B 412 -5.75 -0.94 23.21
C ILE B 412 -5.23 -1.52 24.54
N ILE B 413 -6.02 -1.42 25.59
CA ILE B 413 -5.61 -1.95 26.89
C ILE B 413 -6.26 -3.30 27.16
N PHE B 414 -5.43 -4.30 27.45
CA PHE B 414 -5.95 -5.64 27.75
C PHE B 414 -5.83 -5.90 29.24
N ASP B 415 -6.92 -6.35 29.85
CA ASP B 415 -6.93 -6.63 31.28
C ASP B 415 -7.25 -8.09 31.57
N ALA B 416 -6.25 -8.83 32.04
CA ALA B 416 -6.43 -10.24 32.39
C ALA B 416 -6.69 -10.32 33.90
N TYR B 417 -7.88 -9.88 34.28
CA TYR B 417 -8.30 -9.86 35.68
C TYR B 417 -8.31 -11.24 36.33
N ARG B 418 -7.63 -11.35 37.47
CA ARG B 418 -7.58 -12.62 38.18
C ARG B 418 -8.54 -12.55 39.36
N ASN B 419 -9.58 -13.39 39.30
CA ASN B 419 -10.60 -13.47 40.34
C ASN B 419 -10.07 -14.33 41.48
N SER B 420 -9.25 -15.31 41.12
CA SER B 420 -8.65 -16.22 42.09
C SER B 420 -7.63 -17.11 41.40
C2 BGC C . 9.36 5.42 31.99
C3 BGC C . 8.17 4.53 31.62
C4 BGC C . 7.41 4.04 32.86
C5 BGC C . 7.14 5.17 33.86
C6 BGC C . 6.64 4.64 35.20
C1 BGC C . 8.91 6.50 32.97
O1 BGC C . 10.01 7.27 33.36
O2 BGC C . 9.90 6.01 30.82
O3 BGC C . 8.62 3.42 30.86
O4 BGC C . 6.16 3.48 32.43
O5 BGC C . 8.35 5.90 34.14
O6 BGC C . 5.23 4.52 35.20
C1 GAL C . 5.93 2.15 32.72
C2 GAL C . 4.56 1.76 32.16
C3 GAL C . 4.31 0.26 32.30
C4 GAL C . 5.48 -0.54 31.75
C5 GAL C . 6.80 -0.05 32.36
C6 GAL C . 8.01 -0.75 31.76
O2 GAL C . 3.54 2.47 32.83
O3 GAL C . 3.12 -0.05 31.55
O4 GAL C . 5.54 -0.42 30.33
O5 GAL C . 6.96 1.37 32.10
O6 GAL C . 9.21 -0.11 32.14
C1 SIA C . 1.31 -1.34 30.78
C2 SIA C . 2.39 -1.18 31.84
C3 SIA C . 1.74 -1.09 33.23
C4 SIA C . 1.03 -2.39 33.60
C5 SIA C . 1.96 -3.61 33.42
C6 SIA C . 2.54 -3.57 31.99
C7 SIA C . 3.44 -4.75 31.66
C8 SIA C . 4.13 -4.50 30.30
C9 SIA C . 4.96 -5.71 29.88
C10 SIA C . 1.61 -5.77 34.46
C11 SIA C . 0.69 -6.97 34.67
N5 SIA C . 1.20 -4.82 33.60
O1A SIA C . 0.37 -0.50 30.75
O1B SIA C . 1.41 -2.26 29.93
O4 SIA C . 0.58 -2.34 34.94
O6 SIA C . 3.26 -2.33 31.78
O7 SIA C . 4.42 -4.91 32.68
O8 SIA C . 3.14 -4.24 29.32
O9 SIA C . 4.09 -6.77 29.51
O10 SIA C . 2.68 -5.71 35.04
C1 MRD D . -11.61 10.61 -29.52
C2 MRD D . -11.87 11.34 -28.22
O2 MRD D . -13.28 11.38 -27.97
CM MRD D . -11.16 10.60 -27.09
C3 MRD D . -11.35 12.78 -28.33
C4 MRD D . -12.05 13.68 -29.34
O4 MRD D . -11.88 13.14 -30.66
C5 MRD D . -11.48 15.10 -29.29
C1 MRD E . -0.41 16.13 -28.89
C2 MRD E . -1.26 15.26 -29.81
O2 MRD E . -1.70 16.04 -30.93
CM MRD E . -0.44 14.09 -30.31
C3 MRD E . -2.48 14.74 -29.05
C4 MRD E . -2.19 13.88 -27.82
O4 MRD E . -1.54 12.66 -28.22
C5 MRD E . -3.48 13.55 -27.08
C1 MRD F . -6.55 -1.24 0.40
C2 MRD F . -5.33 -0.45 -0.09
O2 MRD F . -4.67 -1.21 -1.11
CM MRD F . -5.79 0.89 -0.68
C3 MRD F . -4.37 -0.24 1.07
C4 MRD F . -2.99 0.37 0.76
O4 MRD F . -2.06 0.07 1.80
C5 MRD F . -3.08 1.87 0.56
C1 MRD G . 15.61 11.07 10.05
C2 MRD G . 14.29 10.56 9.48
O2 MRD G . 13.21 11.33 10.01
CM MRD G . 14.30 10.69 7.97
C3 MRD G . 14.11 9.10 9.86
C4 MRD G . 13.95 8.83 11.36
O4 MRD G . 14.19 7.46 11.63
C5 MRD G . 12.57 9.23 11.87
C1 MRD H . -27.60 22.09 -16.65
C2 MRD H . -26.73 23.08 -17.43
O2 MRD H . -27.55 23.88 -18.28
CM MRD H . -25.99 23.99 -16.46
C3 MRD H . -25.70 22.31 -18.27
C4 MRD H . -26.23 21.27 -19.27
O4 MRD H . -25.14 20.54 -19.82
C5 MRD H . -27.02 21.93 -20.39
#